data_6Q1Q
#
_entry.id   6Q1Q
#
_cell.length_a   48.383
_cell.length_b   66.486
_cell.length_c   97.510
_cell.angle_alpha   90.000
_cell.angle_beta   90.090
_cell.angle_gamma   90.000
#
_symmetry.space_group_name_H-M   'P 1 21 1'
#
loop_
_entity.id
_entity.type
_entity.pdbx_description
1 polymer 'Probable amino acid aminotransferase'
2 non-polymer 'CITRIC ACID'
3 non-polymer 1,2-ETHANEDIOL
4 water water
#
_entity_poly.entity_id   1
_entity_poly.type   'polypeptide(L)'
_entity_poly.pdbx_seq_one_letter_code
;NAMVVTLDGEILQPGMPLLHADDLAAVRGDGVFETLLVRDGRACLVEAHLQRLTQSARLMDLPEPDLPRWRRAVEVATQR
WVASTADEGALRLIYSRGREGGSAPTAYVMVSPVPARVIGARRDGVSAITLDRGLPADGGDAMPWLIASAKTLSYAVNMA
VLRHAARQGAGDVIFVSTDGYVLEGPRSTVVIATDGDQGGGNPCLLTPPPWYPILRGTTQQALFEVARAKGYDCDYRALR
VADLFDSQGIWLVSSMTLAARVHTLDGRRLPRTPIAEVFAELVDAAIVSDR
;
_entity_poly.pdbx_strand_id   A,B
#
# COMPACT_ATOMS: atom_id res chain seq x y z
N ALA A 2 7.30 -23.51 -0.80
CA ALA A 2 7.01 -22.83 0.45
C ALA A 2 6.03 -23.61 1.33
N MET A 3 6.30 -23.63 2.63
CA MET A 3 5.45 -24.29 3.61
C MET A 3 4.56 -23.27 4.33
N VAL A 4 3.31 -23.65 4.60
CA VAL A 4 2.34 -22.76 5.22
C VAL A 4 1.78 -23.43 6.46
N VAL A 5 1.79 -22.72 7.58
CA VAL A 5 1.17 -23.15 8.83
C VAL A 5 0.27 -22.02 9.31
N THR A 6 -1.04 -22.27 9.37
CA THR A 6 -1.97 -21.28 9.89
C THR A 6 -1.96 -21.30 11.42
N LEU A 7 -2.48 -20.22 12.02
CA LEU A 7 -2.58 -20.18 13.48
C LEU A 7 -3.63 -21.15 14.02
N ASP A 8 -4.59 -21.58 13.19
CA ASP A 8 -5.48 -22.66 13.59
C ASP A 8 -4.70 -23.92 13.92
N GLY A 9 -3.58 -24.14 13.24
CA GLY A 9 -2.78 -25.33 13.40
C GLY A 9 -2.68 -26.17 12.15
N GLU A 10 -3.43 -25.83 11.12
CA GLU A 10 -3.36 -26.53 9.84
C GLU A 10 -2.04 -26.27 9.13
N ILE A 11 -1.44 -27.33 8.59
CA ILE A 11 -0.29 -27.24 7.70
C ILE A 11 -0.84 -27.50 6.30
N LEU A 12 -0.69 -26.53 5.40
CA LEU A 12 -1.52 -26.51 4.21
C LEU A 12 -1.16 -27.61 3.21
N GLN A 13 -2.19 -28.06 2.47
CA GLN A 13 -2.10 -29.04 1.39
C GLN A 13 -1.20 -28.57 0.25
N PRO A 14 -0.65 -29.51 -0.53
CA PRO A 14 0.13 -29.13 -1.71
C PRO A 14 -0.73 -28.43 -2.75
N GLY A 15 -0.18 -27.37 -3.33
CA GLY A 15 -0.85 -26.59 -4.36
C GLY A 15 -2.26 -26.09 -4.06
N MET A 16 -2.65 -26.09 -2.78
CA MET A 16 -4.05 -25.71 -2.59
C MET A 16 -4.15 -24.27 -2.10
N PRO A 17 -5.13 -23.53 -2.60
CA PRO A 17 -5.31 -22.14 -2.19
C PRO A 17 -5.72 -22.03 -0.74
N LEU A 18 -5.31 -20.93 -0.10
CA LEU A 18 -5.56 -20.67 1.30
C LEU A 18 -6.58 -19.56 1.53
N LEU A 19 -6.51 -18.49 0.76
CA LEU A 19 -7.24 -17.26 1.05
C LEU A 19 -8.45 -17.11 0.14
N HIS A 20 -9.55 -16.62 0.71
CA HIS A 20 -10.74 -16.33 -0.07
C HIS A 20 -10.54 -15.06 -0.90
N ALA A 21 -11.38 -14.92 -1.93
CA ALA A 21 -11.22 -13.82 -2.87
C ALA A 21 -11.54 -12.46 -2.27
N ASP A 22 -12.23 -12.42 -1.12
CA ASP A 22 -12.60 -11.15 -0.50
C ASP A 22 -11.79 -10.85 0.77
N ASP A 23 -10.59 -11.42 0.90
CA ASP A 23 -9.75 -11.15 2.05
C ASP A 23 -9.11 -9.77 1.91
N LEU A 24 -9.20 -8.96 2.98
CA LEU A 24 -8.65 -7.61 2.94
C LEU A 24 -7.15 -7.58 2.69
N ALA A 25 -6.45 -8.70 2.83
CA ALA A 25 -5.03 -8.73 2.47
C ALA A 25 -4.83 -8.58 0.97
N ALA A 26 -5.66 -9.24 0.18
CA ALA A 26 -5.51 -9.18 -1.27
C ALA A 26 -6.25 -8.00 -1.89
N VAL A 27 -7.45 -7.69 -1.41
CA VAL A 27 -8.23 -6.63 -2.03
C VAL A 27 -7.76 -5.25 -1.62
N ARG A 28 -7.16 -5.11 -0.43
CA ARG A 28 -6.75 -3.81 0.08
C ARG A 28 -5.36 -3.78 0.67
N GLY A 29 -4.62 -4.88 0.67
CA GLY A 29 -3.35 -4.92 1.37
C GLY A 29 -3.46 -4.56 2.83
N ASP A 30 -4.59 -4.86 3.45
CA ASP A 30 -4.94 -4.33 4.77
C ASP A 30 -4.49 -5.34 5.82
N GLY A 31 -3.23 -5.22 6.23
CA GLY A 31 -2.67 -6.11 7.23
C GLY A 31 -1.24 -5.71 7.52
N VAL A 32 -0.62 -6.49 8.41
CA VAL A 32 0.76 -6.27 8.81
C VAL A 32 1.52 -7.58 8.68
N PHE A 33 2.85 -7.48 8.63
CA PHE A 33 3.67 -8.67 8.47
C PHE A 33 5.04 -8.46 9.10
N GLU A 34 5.74 -9.58 9.28
CA GLU A 34 7.14 -9.57 9.70
C GLU A 34 7.87 -10.62 8.88
N THR A 35 9.18 -10.47 8.80
CA THR A 35 10.05 -11.40 8.10
C THR A 35 11.19 -11.80 9.02
N LEU A 36 11.43 -13.11 9.13
CA LEU A 36 12.46 -13.64 10.01
C LEU A 36 13.37 -14.60 9.24
N LEU A 37 14.60 -14.71 9.71
CA LEU A 37 15.57 -15.62 9.13
C LEU A 37 15.68 -16.87 9.99
N VAL A 38 15.51 -18.03 9.35
CA VAL A 38 15.73 -19.32 10.01
C VAL A 38 17.18 -19.71 9.77
N ARG A 39 17.94 -19.84 10.85
CA ARG A 39 19.36 -20.16 10.74
C ARG A 39 19.76 -21.08 11.88
N ASP A 40 20.34 -22.23 11.53
CA ASP A 40 20.85 -23.20 12.50
C ASP A 40 19.75 -23.67 13.46
N GLY A 41 18.67 -24.16 12.87
CA GLY A 41 17.61 -24.81 13.61
C GLY A 41 16.58 -23.91 14.27
N ARG A 42 16.74 -22.59 14.21
CA ARG A 42 15.81 -21.70 14.89
C ARG A 42 15.60 -20.42 14.10
N ALA A 43 14.41 -19.86 14.23
CA ALA A 43 14.14 -18.52 13.72
C ALA A 43 14.80 -17.50 14.63
N CYS A 44 15.35 -16.44 14.02
CA CYS A 44 16.15 -15.47 14.74
C CYS A 44 15.30 -14.35 15.33
N LEU A 45 15.59 -14.00 16.58
CA LEU A 45 15.00 -12.86 17.28
C LEU A 45 13.47 -12.88 17.22
N VAL A 46 12.90 -14.03 17.60
CA VAL A 46 11.45 -14.20 17.49
C VAL A 46 10.73 -13.19 18.38
N GLU A 47 11.19 -13.05 19.63
CA GLU A 47 10.49 -12.18 20.58
C GLU A 47 10.49 -10.73 20.12
N ALA A 48 11.66 -10.24 19.68
CA ALA A 48 11.74 -8.87 19.20
C ALA A 48 10.88 -8.65 17.96
N HIS A 49 10.78 -9.67 17.10
CA HIS A 49 9.92 -9.53 15.93
C HIS A 49 8.44 -9.63 16.29
N LEU A 50 8.10 -10.46 17.28
CA LEU A 50 6.71 -10.49 17.76
C LEU A 50 6.30 -9.16 18.38
N GLN A 51 7.23 -8.47 19.04
CA GLN A 51 6.93 -7.15 19.60
C GLN A 51 6.67 -6.12 18.50
N ARG A 52 7.47 -6.13 17.43
CA ARG A 52 7.24 -5.18 16.35
C ARG A 52 5.93 -5.50 15.63
N LEU A 53 5.62 -6.79 15.45
CA LEU A 53 4.33 -7.16 14.90
C LEU A 53 3.20 -6.66 15.79
N THR A 54 3.38 -6.76 17.11
CA THR A 54 2.41 -6.19 18.04
C THR A 54 2.26 -4.69 17.85
N GLN A 55 3.38 -4.00 17.62
CA GLN A 55 3.33 -2.55 17.46
C GLN A 55 2.65 -2.16 16.15
N SER A 56 2.95 -2.89 15.07
CA SER A 56 2.32 -2.62 13.79
C SER A 56 0.81 -2.86 13.84
N ALA A 57 0.39 -3.93 14.53
CA ALA A 57 -1.03 -4.24 14.61
C ALA A 57 -1.79 -3.15 15.36
N ARG A 58 -1.17 -2.59 16.40
CA ARG A 58 -1.81 -1.50 17.15
C ARG A 58 -1.98 -0.26 16.27
N LEU A 59 -0.92 0.11 15.54
CA LEU A 59 -1.03 1.25 14.65
C LEU A 59 -2.07 1.04 13.56
N MET A 60 -2.38 -0.23 13.24
CA MET A 60 -3.34 -0.58 12.22
C MET A 60 -4.71 -0.94 12.79
N ASP A 61 -4.93 -0.69 14.09
CA ASP A 61 -6.21 -0.97 14.74
C ASP A 61 -6.61 -2.44 14.59
N LEU A 62 -5.63 -3.33 14.50
CA LEU A 62 -5.89 -4.77 14.47
C LEU A 62 -5.94 -5.33 15.89
N PRO A 63 -6.61 -6.46 16.09
CA PRO A 63 -6.62 -7.07 17.42
C PRO A 63 -5.22 -7.46 17.85
N GLU A 64 -4.98 -7.37 19.16
CA GLU A 64 -3.67 -7.65 19.71
C GLU A 64 -3.27 -9.09 19.41
N PRO A 65 -2.09 -9.33 18.83
CA PRO A 65 -1.72 -10.69 18.43
C PRO A 65 -1.60 -11.62 19.63
N ASP A 66 -2.15 -12.81 19.48
CA ASP A 66 -2.07 -13.87 20.48
C ASP A 66 -0.68 -14.51 20.38
N LEU A 67 0.25 -14.06 21.22
CA LEU A 67 1.64 -14.48 21.06
C LEU A 67 1.87 -15.97 21.28
N PRO A 68 1.23 -16.66 22.24
CA PRO A 68 1.41 -18.13 22.30
C PRO A 68 1.01 -18.83 21.01
N ARG A 69 -0.08 -18.40 20.37
CA ARG A 69 -0.48 -19.03 19.11
C ARG A 69 0.48 -18.68 17.99
N TRP A 70 0.98 -17.44 17.95
CA TRP A 70 1.97 -17.08 16.95
C TRP A 70 3.25 -17.88 17.15
N ARG A 71 3.66 -18.07 18.40
CA ARG A 71 4.88 -18.82 18.68
C ARG A 71 4.73 -20.27 18.24
N ARG A 72 3.54 -20.86 18.39
CA ARG A 72 3.38 -22.26 17.99
C ARG A 72 3.48 -22.40 16.49
N ALA A 73 2.83 -21.50 15.74
CA ALA A 73 2.93 -21.56 14.29
C ALA A 73 4.36 -21.33 13.81
N VAL A 74 5.08 -20.41 14.47
CA VAL A 74 6.49 -20.19 14.13
C VAL A 74 7.31 -21.45 14.38
N GLU A 75 7.18 -22.03 15.59
CA GLU A 75 7.90 -23.26 15.90
C GLU A 75 7.62 -24.37 14.89
N VAL A 76 6.34 -24.68 14.67
CA VAL A 76 5.98 -25.76 13.76
C VAL A 76 6.54 -25.51 12.36
N ALA A 77 6.38 -24.29 11.86
CA ALA A 77 6.89 -23.97 10.52
C ALA A 77 8.41 -24.04 10.46
N THR A 78 9.09 -23.54 11.49
CA THR A 78 10.54 -23.62 11.52
C THR A 78 11.01 -25.06 11.45
N GLN A 79 10.49 -25.92 12.33
CA GLN A 79 10.94 -27.31 12.39
C GLN A 79 10.62 -28.06 11.10
N ARG A 80 9.47 -27.76 10.48
CA ARG A 80 9.19 -28.38 9.19
C ARG A 80 10.24 -27.99 8.16
N TRP A 81 10.72 -26.75 8.22
CA TRP A 81 11.78 -26.34 7.31
C TRP A 81 13.09 -27.02 7.67
N VAL A 82 13.47 -26.97 8.95
CA VAL A 82 14.74 -27.57 9.38
C VAL A 82 14.78 -29.06 9.06
N ALA A 83 13.64 -29.75 9.17
CA ALA A 83 13.62 -31.18 8.87
C ALA A 83 13.93 -31.43 7.40
N SER A 84 13.47 -30.55 6.52
CA SER A 84 13.69 -30.74 5.09
C SER A 84 15.08 -30.35 4.64
N THR A 85 15.73 -29.42 5.34
CA THR A 85 17.02 -28.92 4.88
C THR A 85 17.75 -28.20 6.00
N ALA A 86 19.08 -28.18 5.89
CA ALA A 86 19.91 -27.36 6.75
C ALA A 86 20.09 -25.95 6.20
N ASP A 87 19.59 -25.67 5.00
CA ASP A 87 19.70 -24.34 4.42
C ASP A 87 18.96 -23.33 5.27
N GLU A 88 19.32 -22.06 5.09
CA GLU A 88 18.62 -20.98 5.77
C GLU A 88 17.19 -20.88 5.25
N GLY A 89 16.34 -20.30 6.09
CA GLY A 89 14.93 -20.18 5.76
C GLY A 89 14.45 -18.75 5.91
N ALA A 90 13.56 -18.35 5.01
CA ALA A 90 12.92 -17.05 5.06
C ALA A 90 11.53 -17.26 5.65
N LEU A 91 11.32 -16.76 6.86
CA LEU A 91 10.08 -16.93 7.60
C LEU A 91 9.32 -15.62 7.64
N ARG A 92 8.05 -15.64 7.24
CA ARG A 92 7.22 -14.46 7.29
C ARG A 92 5.91 -14.74 8.00
N LEU A 93 5.44 -13.75 8.76
CA LEU A 93 4.17 -13.80 9.45
C LEU A 93 3.19 -12.88 8.74
N ILE A 94 2.03 -13.40 8.38
CA ILE A 94 1.02 -12.64 7.65
C ILE A 94 -0.19 -12.45 8.57
N TYR A 95 -0.58 -11.20 8.79
CA TYR A 95 -1.65 -10.86 9.73
C TYR A 95 -2.53 -9.79 9.11
N SER A 96 -3.64 -10.21 8.51
CA SER A 96 -4.56 -9.32 7.82
C SER A 96 -5.86 -9.17 8.62
N ARG A 97 -6.60 -8.11 8.31
CA ARG A 97 -7.84 -7.81 9.01
C ARG A 97 -8.92 -8.87 8.82
N GLY A 98 -8.74 -9.78 7.88
CA GLY A 98 -9.71 -10.82 7.61
C GLY A 98 -10.45 -10.60 6.31
N ARG A 99 -11.66 -11.16 6.26
CA ARG A 99 -12.51 -11.03 5.09
C ARG A 99 -13.47 -9.86 5.26
N GLU A 100 -13.96 -9.35 4.13
CA GLU A 100 -14.94 -8.27 4.14
C GLU A 100 -16.18 -8.68 4.90
N GLY A 101 -16.47 -7.98 6.00
CA GLY A 101 -17.55 -8.36 6.87
C GLY A 101 -17.26 -9.53 7.77
N GLY A 102 -16.08 -10.14 7.65
CA GLY A 102 -15.73 -11.24 8.52
C GLY A 102 -15.46 -10.78 9.95
N SER A 103 -15.44 -11.75 10.85
CA SER A 103 -15.29 -11.48 12.27
C SER A 103 -13.99 -12.03 12.84
N ALA A 104 -13.05 -12.47 11.99
CA ALA A 104 -11.80 -13.02 12.46
C ALA A 104 -10.68 -12.63 11.51
N PRO A 105 -9.57 -12.13 12.02
CA PRO A 105 -8.42 -11.81 11.17
C PRO A 105 -7.84 -13.07 10.54
N THR A 106 -7.16 -12.87 9.42
CA THR A 106 -6.45 -13.96 8.75
C THR A 106 -5.01 -13.97 9.25
N ALA A 107 -4.53 -15.15 9.64
CA ALA A 107 -3.20 -15.25 10.24
C ALA A 107 -2.61 -16.59 9.87
N TYR A 108 -1.39 -16.55 9.31
CA TYR A 108 -0.67 -17.78 9.00
C TYR A 108 0.82 -17.45 8.94
N VAL A 109 1.61 -18.51 8.93
CA VAL A 109 3.06 -18.42 8.89
C VAL A 109 3.55 -19.11 7.63
N MET A 110 4.56 -18.51 6.99
CA MET A 110 5.07 -19.00 5.72
C MET A 110 6.58 -19.05 5.77
N VAL A 111 7.15 -20.18 5.38
CA VAL A 111 8.60 -20.34 5.27
C VAL A 111 8.93 -20.77 3.85
N SER A 112 9.91 -20.09 3.24
CA SER A 112 10.31 -20.29 1.85
C SER A 112 11.83 -20.29 1.76
N PRO A 113 12.42 -20.70 0.63
CA PRO A 113 13.88 -20.62 0.50
C PRO A 113 14.34 -19.18 0.52
N VAL A 114 15.59 -18.98 0.91
CA VAL A 114 16.18 -17.65 0.89
C VAL A 114 16.56 -17.31 -0.54
N PRO A 115 16.15 -16.15 -1.07
CA PRO A 115 16.38 -15.86 -2.49
C PRO A 115 17.86 -15.82 -2.84
N ALA A 116 18.15 -16.11 -4.12
CA ALA A 116 19.52 -16.06 -4.59
C ALA A 116 20.08 -14.64 -4.55
N ARG A 117 19.20 -13.63 -4.66
CA ARG A 117 19.64 -12.25 -4.57
C ARG A 117 20.28 -11.97 -3.21
N VAL A 118 19.78 -12.64 -2.17
CA VAL A 118 20.23 -12.36 -0.80
C VAL A 118 21.69 -12.76 -0.62
N ILE A 119 22.09 -13.89 -1.19
CA ILE A 119 23.46 -14.37 -0.98
C ILE A 119 24.45 -13.42 -1.66
N GLY A 120 24.10 -12.91 -2.84
CA GLY A 120 24.95 -11.92 -3.48
C GLY A 120 25.01 -10.61 -2.72
N ALA A 121 23.88 -10.19 -2.14
CA ALA A 121 23.86 -8.94 -1.39
C ALA A 121 24.70 -9.05 -0.12
N ARG A 122 24.65 -10.20 0.56
CA ARG A 122 25.48 -10.38 1.74
C ARG A 122 26.96 -10.39 1.37
N ARG A 123 27.31 -11.09 0.30
CA ARG A 123 28.70 -11.26 -0.09
C ARG A 123 29.27 -10.01 -0.77
N ASP A 124 28.59 -9.51 -1.80
CA ASP A 124 29.13 -8.44 -2.62
C ASP A 124 28.59 -7.06 -2.26
N GLY A 125 27.53 -6.98 -1.45
CA GLY A 125 26.91 -5.70 -1.30
C GLY A 125 26.10 -5.37 -2.56
N VAL A 126 25.69 -4.10 -2.64
CA VAL A 126 24.83 -3.62 -3.72
C VAL A 126 25.24 -2.20 -4.10
N SER A 127 24.73 -1.76 -5.24
CA SER A 127 24.76 -0.37 -5.65
C SER A 127 23.37 0.22 -5.47
N ALA A 128 23.31 1.47 -4.98
CA ALA A 128 22.04 2.08 -4.63
C ALA A 128 22.00 3.52 -5.13
N ILE A 129 20.78 4.02 -5.30
CA ILE A 129 20.52 5.42 -5.65
C ILE A 129 19.63 6.02 -4.57
N THR A 130 19.74 7.34 -4.39
CA THR A 130 18.85 8.06 -3.50
C THR A 130 17.60 8.49 -4.28
N LEU A 131 16.44 8.29 -3.67
CA LEU A 131 15.17 8.69 -4.26
C LEU A 131 14.33 9.44 -3.25
N ASP A 132 13.64 10.47 -3.74
CA ASP A 132 12.76 11.25 -2.89
C ASP A 132 11.59 10.39 -2.43
N ARG A 133 11.31 10.43 -1.14
CA ARG A 133 10.24 9.63 -0.55
C ARG A 133 8.87 10.26 -0.72
N GLY A 134 8.80 11.58 -0.92
CA GLY A 134 7.54 12.27 -0.97
C GLY A 134 7.01 12.69 0.38
N LEU A 135 7.75 12.42 1.45
CA LEU A 135 7.40 12.77 2.81
C LEU A 135 8.46 13.68 3.41
N PRO A 136 8.08 14.67 4.22
CA PRO A 136 9.08 15.43 4.98
C PRO A 136 9.53 14.63 6.20
N ALA A 137 10.73 15.00 6.70
CA ALA A 137 11.28 14.26 7.83
C ALA A 137 10.45 14.45 9.09
N ASP A 138 9.77 15.58 9.21
CA ASP A 138 8.85 15.79 10.33
C ASP A 138 7.47 15.21 10.06
N GLY A 139 7.29 14.54 8.92
CA GLY A 139 5.97 14.03 8.56
C GLY A 139 5.45 13.01 9.55
N GLY A 140 6.34 12.20 10.12
CA GLY A 140 5.92 11.17 11.06
C GLY A 140 5.20 11.75 12.25
N ASP A 141 5.70 12.87 12.78
CA ASP A 141 5.07 13.53 13.91
C ASP A 141 3.82 14.29 13.48
N ALA A 142 3.91 15.03 12.38
CA ALA A 142 2.81 15.92 12.00
C ALA A 142 1.61 15.14 11.47
N MET A 143 1.83 13.95 10.90
CA MET A 143 0.79 13.18 10.23
C MET A 143 0.81 11.73 10.72
N PRO A 144 0.28 11.47 11.91
CA PRO A 144 0.23 10.08 12.39
C PRO A 144 -0.74 9.20 11.61
N TRP A 145 -1.70 9.79 10.90
CA TRP A 145 -2.64 9.02 10.10
C TRP A 145 -1.98 8.28 8.94
N LEU A 146 -0.78 8.70 8.53
CA LEU A 146 -0.05 7.97 7.49
C LEU A 146 0.59 6.69 7.99
N ILE A 147 0.57 6.43 9.31
CA ILE A 147 1.04 5.18 9.93
C ILE A 147 2.37 4.72 9.33
N ALA A 148 3.30 5.66 9.17
CA ALA A 148 4.56 5.35 8.50
C ALA A 148 5.41 4.36 9.28
N SER A 149 5.16 4.18 10.57
CA SER A 149 5.93 3.24 11.38
C SER A 149 5.35 1.83 11.38
N ALA A 150 4.20 1.62 10.74
CA ALA A 150 3.59 0.31 10.66
C ALA A 150 4.15 -0.47 9.47
N LYS A 151 4.51 -1.72 9.70
CA LYS A 151 5.01 -2.60 8.63
C LYS A 151 3.80 -3.34 8.06
N THR A 152 3.22 -2.78 7.00
CA THR A 152 1.97 -3.26 6.46
C THR A 152 2.21 -4.12 5.22
N LEU A 153 1.15 -4.80 4.81
CA LEU A 153 1.15 -5.61 3.59
C LEU A 153 1.03 -4.78 2.33
N SER A 154 0.97 -3.45 2.46
CA SER A 154 0.78 -2.57 1.31
C SER A 154 2.15 -2.11 0.80
N TYR A 155 2.81 -3.00 0.07
CA TYR A 155 4.19 -2.81 -0.38
C TYR A 155 4.28 -2.53 -1.88
N ALA A 156 3.18 -2.13 -2.52
CA ALA A 156 3.20 -1.90 -3.96
C ALA A 156 4.23 -0.85 -4.33
N VAL A 157 4.24 0.27 -3.61
CA VAL A 157 5.18 1.34 -3.91
C VAL A 157 6.61 0.87 -3.61
N ASN A 158 6.77 0.07 -2.56
CA ASN A 158 8.10 -0.43 -2.19
C ASN A 158 8.72 -1.22 -3.34
N MET A 159 7.94 -2.12 -3.94
CA MET A 159 8.44 -2.88 -5.09
C MET A 159 8.56 -2.01 -6.33
N ALA A 160 7.67 -1.04 -6.50
CA ALA A 160 7.75 -0.15 -7.66
C ALA A 160 9.03 0.67 -7.62
N VAL A 161 9.45 1.11 -6.43
CA VAL A 161 10.68 1.87 -6.30
C VAL A 161 11.88 1.01 -6.67
N LEU A 162 11.87 -0.25 -6.25
CA LEU A 162 12.99 -1.14 -6.59
C LEU A 162 13.01 -1.47 -8.09
N ARG A 163 11.85 -1.63 -8.70
CA ARG A 163 11.80 -1.86 -10.14
C ARG A 163 12.34 -0.66 -10.90
N HIS A 164 12.01 0.55 -10.43
CA HIS A 164 12.54 1.76 -11.06
C HIS A 164 14.06 1.79 -10.98
N ALA A 165 14.61 1.57 -9.79
CA ALA A 165 16.06 1.58 -9.63
C ALA A 165 16.72 0.47 -10.43
N ALA A 166 16.08 -0.70 -10.50
CA ALA A 166 16.65 -1.82 -11.25
C ALA A 166 16.82 -1.46 -12.72
N ARG A 167 15.85 -0.76 -13.30
CA ARG A 167 15.96 -0.36 -14.70
C ARG A 167 17.13 0.58 -14.95
N GLN A 168 17.56 1.31 -13.92
CA GLN A 168 18.73 2.18 -13.99
C GLN A 168 20.01 1.47 -13.57
N GLY A 169 19.99 0.16 -13.43
CA GLY A 169 21.18 -0.56 -13.01
C GLY A 169 21.52 -0.45 -11.53
N ALA A 170 20.55 -0.15 -10.68
CA ALA A 170 20.77 -0.06 -9.25
C ALA A 170 20.11 -1.24 -8.53
N GLY A 171 20.80 -1.78 -7.54
CA GLY A 171 20.31 -2.95 -6.84
C GLY A 171 19.41 -2.65 -5.68
N ASP A 172 19.43 -1.41 -5.18
CA ASP A 172 18.60 -1.04 -4.05
C ASP A 172 18.44 0.48 -4.02
N VAL A 173 17.72 0.97 -3.01
CA VAL A 173 17.32 2.36 -2.93
C VAL A 173 17.51 2.85 -1.49
N ILE A 174 17.95 4.09 -1.34
CA ILE A 174 17.93 4.79 -0.07
C ILE A 174 16.94 5.94 -0.19
N PHE A 175 15.88 5.90 0.60
CA PHE A 175 14.89 6.96 0.57
C PHE A 175 15.42 8.20 1.28
N VAL A 176 15.20 9.36 0.67
CA VAL A 176 15.55 10.64 1.24
C VAL A 176 14.27 11.47 1.37
N SER A 177 14.12 12.17 2.48
CA SER A 177 12.93 12.98 2.68
C SER A 177 12.97 14.20 1.76
N THR A 178 11.81 14.87 1.65
CA THR A 178 11.71 16.01 0.75
C THR A 178 12.64 17.14 1.15
N ASP A 179 12.93 17.28 2.45
CA ASP A 179 13.87 18.27 2.94
C ASP A 179 15.31 17.75 3.05
N GLY A 180 15.60 16.61 2.42
CA GLY A 180 16.98 16.16 2.30
C GLY A 180 17.55 15.36 3.45
N TYR A 181 16.72 14.65 4.21
CA TYR A 181 17.19 13.82 5.30
C TYR A 181 17.10 12.35 4.91
N VAL A 182 18.14 11.59 5.25
CA VAL A 182 18.16 10.17 4.98
C VAL A 182 17.08 9.48 5.81
N LEU A 183 16.31 8.62 5.17
CA LEU A 183 15.23 7.94 5.87
C LEU A 183 15.53 6.47 6.07
N GLU A 184 15.40 5.68 5.02
CA GLU A 184 15.50 4.23 5.09
C GLU A 184 15.52 3.69 3.67
N GLY A 185 15.59 2.37 3.56
CA GLY A 185 15.44 1.70 2.30
C GLY A 185 14.04 1.12 2.20
N PRO A 186 13.61 0.80 0.97
CA PRO A 186 12.28 0.20 0.80
C PRO A 186 12.12 -1.12 1.54
N ARG A 187 13.22 -1.81 1.84
CA ARG A 187 13.16 -3.07 2.55
C ARG A 187 14.26 -3.18 3.61
N SER A 188 14.84 -2.07 4.05
CA SER A 188 15.99 -2.11 4.93
C SER A 188 16.08 -0.87 5.78
N THR A 189 16.88 -0.97 6.85
CA THR A 189 17.26 0.15 7.70
C THR A 189 18.66 0.61 7.30
N VAL A 190 18.88 1.91 7.26
CA VAL A 190 20.18 2.47 6.86
C VAL A 190 21.03 2.65 8.10
N VAL A 191 22.27 2.15 8.05
CA VAL A 191 23.23 2.32 9.13
C VAL A 191 24.53 2.84 8.53
N ILE A 192 25.18 3.75 9.26
CA ILE A 192 26.40 4.40 8.81
C ILE A 192 27.51 4.15 9.82
N ALA A 193 28.73 4.02 9.32
CA ALA A 193 29.92 3.98 10.14
C ALA A 193 30.67 5.31 9.98
N THR A 194 31.08 5.89 11.09
CA THR A 194 31.73 7.19 11.09
C THR A 194 32.85 7.14 12.12
N ASP A 195 33.85 8.01 11.94
CA ASP A 195 34.94 8.08 12.90
C ASP A 195 34.56 8.98 14.07
N GLY A 196 35.22 8.74 15.20
CA GLY A 196 34.94 9.45 16.43
C GLY A 196 35.22 10.94 16.44
N PRO A 203 35.45 4.73 15.92
CA PRO A 203 34.42 4.34 14.95
C PRO A 203 33.02 4.25 15.60
N CYS A 204 32.04 4.97 15.05
CA CYS A 204 30.70 5.03 15.63
C CYS A 204 29.65 4.71 14.58
N LEU A 205 28.58 4.06 15.01
CA LEU A 205 27.49 3.64 14.14
C LEU A 205 26.29 4.58 14.30
N LEU A 206 25.65 4.91 13.18
CA LEU A 206 24.61 5.92 13.16
C LEU A 206 23.48 5.49 12.25
N THR A 207 22.25 5.76 12.66
CA THR A 207 21.04 5.42 11.93
C THR A 207 20.02 6.53 12.14
N PRO A 208 19.11 6.73 11.19
CA PRO A 208 18.16 7.83 11.31
C PRO A 208 17.24 7.65 12.49
N PRO A 209 16.71 8.73 13.05
CA PRO A 209 15.85 8.62 14.23
C PRO A 209 14.53 7.96 13.89
N PRO A 210 13.94 7.19 14.82
CA PRO A 210 12.72 6.46 14.52
C PRO A 210 11.46 7.29 14.61
N TRP A 211 11.52 8.55 15.02
CA TRP A 211 10.36 9.42 14.85
C TRP A 211 10.25 9.95 13.41
N TYR A 212 11.25 9.70 12.57
CA TYR A 212 11.11 9.95 11.15
C TYR A 212 10.04 9.02 10.58
N PRO A 213 9.48 9.33 9.41
CA PRO A 213 8.49 8.42 8.82
C PRO A 213 9.14 7.15 8.29
N ILE A 214 9.69 6.34 9.20
CA ILE A 214 10.41 5.13 8.85
C ILE A 214 9.98 4.00 9.77
N LEU A 215 10.45 2.80 9.46
CA LEU A 215 10.19 1.61 10.24
C LEU A 215 11.35 1.40 11.21
N ARG A 216 11.02 0.95 12.41
CA ARG A 216 12.07 0.63 13.37
C ARG A 216 12.75 -0.66 12.94
N GLY A 217 14.09 -0.67 12.97
CA GLY A 217 14.80 -1.85 12.52
C GLY A 217 15.11 -2.80 13.65
N THR A 218 14.44 -3.95 13.66
CA THR A 218 14.68 -4.94 14.70
C THR A 218 16.11 -5.46 14.65
N THR A 219 16.59 -5.78 13.44
CA THR A 219 17.94 -6.31 13.31
C THR A 219 18.98 -5.23 13.62
N GLN A 220 18.72 -3.99 13.21
CA GLN A 220 19.64 -2.91 13.52
C GLN A 220 19.70 -2.67 15.03
N GLN A 221 18.56 -2.72 15.71
CA GLN A 221 18.54 -2.51 17.15
C GLN A 221 19.39 -3.56 17.87
N ALA A 222 19.29 -4.82 17.46
CA ALA A 222 20.13 -5.86 18.05
C ALA A 222 21.60 -5.61 17.72
N LEU A 223 21.88 -5.13 16.50
CA LEU A 223 23.25 -4.78 16.14
C LEU A 223 23.80 -3.71 17.07
N PHE A 224 22.97 -2.73 17.43
CA PHE A 224 23.43 -1.65 18.29
C PHE A 224 23.85 -2.16 19.68
N GLU A 225 23.13 -3.15 20.22
CA GLU A 225 23.50 -3.69 21.53
C GLU A 225 24.80 -4.48 21.46
N VAL A 226 24.98 -5.28 20.42
CA VAL A 226 26.22 -6.05 20.29
C VAL A 226 27.39 -5.13 19.98
N ALA A 227 27.17 -4.11 19.16
CA ALA A 227 28.26 -3.20 18.82
C ALA A 227 28.67 -2.37 20.04
N ARG A 228 27.70 -1.90 20.82
CA ARG A 228 28.02 -1.17 22.04
C ARG A 228 28.81 -2.03 23.02
N ALA A 229 28.45 -3.32 23.12
CA ALA A 229 29.17 -4.20 24.02
C ALA A 229 30.62 -4.41 23.58
N LYS A 230 30.87 -4.38 22.27
CA LYS A 230 32.22 -4.53 21.73
C LYS A 230 32.97 -3.20 21.67
N GLY A 231 32.42 -2.13 22.25
CA GLY A 231 33.10 -0.85 22.34
C GLY A 231 32.74 0.17 21.28
N TYR A 232 31.83 -0.14 20.36
CA TYR A 232 31.43 0.83 19.35
C TYR A 232 30.33 1.75 19.89
N ASP A 233 30.47 3.03 19.61
CA ASP A 233 29.43 3.99 19.95
C ASP A 233 28.34 3.94 18.88
N CYS A 234 27.08 3.93 19.31
CA CYS A 234 25.95 3.84 18.41
C CYS A 234 24.90 4.86 18.83
N ASP A 235 24.34 5.57 17.86
CA ASP A 235 23.39 6.62 18.17
C ASP A 235 22.45 6.85 17.01
N TYR A 236 21.33 7.49 17.31
CA TYR A 236 20.34 7.89 16.33
C TYR A 236 20.55 9.37 16.00
N ARG A 237 20.82 9.66 14.73
CA ARG A 237 21.18 11.01 14.32
C ARG A 237 20.49 11.35 13.01
N ALA A 238 20.20 12.63 12.83
CA ALA A 238 19.76 13.14 11.54
C ALA A 238 20.93 13.13 10.57
N LEU A 239 20.80 12.38 9.48
CA LEU A 239 21.83 12.31 8.45
C LEU A 239 21.31 12.90 7.15
N ARG A 240 22.24 13.53 6.41
CA ARG A 240 21.95 14.05 5.09
C ARG A 240 22.85 13.32 4.08
N VAL A 241 22.56 13.55 2.79
CA VAL A 241 23.25 12.81 1.73
C VAL A 241 24.77 12.96 1.84
N ALA A 242 25.24 14.11 2.32
CA ALA A 242 26.69 14.30 2.49
C ALA A 242 27.26 13.35 3.53
N ASP A 243 26.48 13.03 4.57
CA ASP A 243 26.99 12.13 5.61
C ASP A 243 27.20 10.72 5.07
N LEU A 244 26.38 10.29 4.13
CA LEU A 244 26.59 8.98 3.51
C LEU A 244 27.88 8.97 2.70
N PHE A 245 28.18 10.06 1.99
CA PHE A 245 29.35 10.10 1.13
C PHE A 245 30.65 10.27 1.92
N ASP A 246 30.61 10.93 3.07
CA ASP A 246 31.79 11.10 3.90
C ASP A 246 31.94 10.00 4.93
N SER A 247 31.09 8.97 4.88
CA SER A 247 31.11 7.91 5.88
C SER A 247 32.21 6.90 5.57
N GLN A 248 32.47 6.04 6.56
CA GLN A 248 33.38 4.91 6.41
C GLN A 248 32.66 3.64 5.97
N GLY A 249 31.33 3.66 5.95
CA GLY A 249 30.57 2.54 5.43
C GLY A 249 29.09 2.82 5.42
N ILE A 250 28.36 2.22 4.49
CA ILE A 250 26.90 2.28 4.44
C ILE A 250 26.39 0.87 4.29
N TRP A 251 25.43 0.48 5.13
CA TRP A 251 24.82 -0.84 5.04
C TRP A 251 23.30 -0.70 5.02
N LEU A 252 22.67 -1.58 4.25
CA LEU A 252 21.23 -1.77 4.27
C LEU A 252 20.97 -3.00 5.13
N VAL A 253 20.43 -2.79 6.33
CA VAL A 253 20.28 -3.84 7.33
C VAL A 253 18.82 -4.26 7.39
N SER A 254 18.58 -5.58 7.30
CA SER A 254 17.23 -6.12 7.38
C SER A 254 17.29 -7.51 8.02
N SER A 255 16.13 -8.14 8.17
CA SER A 255 16.04 -9.37 8.95
C SER A 255 16.48 -10.60 8.17
N MET A 256 16.11 -10.69 6.89
CA MET A 256 16.50 -11.85 6.09
C MET A 256 17.81 -11.57 5.34
N THR A 257 17.85 -10.47 4.59
CA THR A 257 19.10 -9.94 4.08
C THR A 257 19.74 -9.19 5.24
N LEU A 258 20.77 -9.78 5.85
CA LEU A 258 21.23 -9.27 7.14
C LEU A 258 21.89 -7.91 6.97
N ALA A 259 23.03 -7.88 6.28
CA ALA A 259 23.74 -6.63 6.04
C ALA A 259 24.22 -6.63 4.60
N ALA A 260 23.88 -5.57 3.87
CA ALA A 260 24.32 -5.39 2.49
C ALA A 260 25.03 -4.04 2.40
N ARG A 261 26.35 -4.08 2.31
CA ARG A 261 27.12 -2.86 2.19
C ARG A 261 26.83 -2.19 0.84
N VAL A 262 26.77 -0.86 0.87
CA VAL A 262 26.56 -0.08 -0.35
C VAL A 262 27.94 0.28 -0.88
N HIS A 263 28.38 -0.45 -1.91
CA HIS A 263 29.67 -0.17 -2.50
C HIS A 263 29.63 0.93 -3.56
N THR A 264 28.44 1.24 -4.07
CA THR A 264 28.27 2.32 -5.03
C THR A 264 26.97 3.06 -4.72
N LEU A 265 27.06 4.37 -4.59
CA LEU A 265 25.92 5.23 -4.27
C LEU A 265 25.85 6.34 -5.31
N ASP A 266 24.74 6.40 -6.05
CA ASP A 266 24.54 7.41 -7.08
C ASP A 266 25.72 7.46 -8.06
N GLY A 267 26.22 6.29 -8.44
CA GLY A 267 27.30 6.20 -9.39
C GLY A 267 28.68 6.33 -8.81
N ARG A 268 28.83 6.96 -7.64
CA ARG A 268 30.13 7.11 -7.02
C ARG A 268 30.51 5.80 -6.31
N ARG A 269 31.59 5.18 -6.77
CA ARG A 269 32.08 3.96 -6.14
C ARG A 269 32.63 4.26 -4.75
N LEU A 270 32.27 3.44 -3.77
CA LEU A 270 32.68 3.76 -2.42
C LEU A 270 33.79 2.84 -1.96
N PRO A 271 34.82 3.39 -1.29
CA PRO A 271 35.94 2.55 -0.85
C PRO A 271 35.52 1.60 0.26
N ARG A 272 36.14 0.42 0.27
CA ARG A 272 35.98 -0.52 1.37
C ARG A 272 36.93 -0.15 2.50
N THR A 273 36.47 -0.32 3.73
CA THR A 273 37.16 0.11 4.93
C THR A 273 37.22 -1.05 5.92
N PRO A 274 38.29 -1.15 6.72
CA PRO A 274 38.40 -2.28 7.66
C PRO A 274 37.15 -2.60 8.47
N ILE A 275 36.33 -1.61 8.83
CA ILE A 275 35.14 -1.94 9.61
C ILE A 275 34.17 -2.80 8.82
N ALA A 276 34.29 -2.85 7.49
CA ALA A 276 33.40 -3.68 6.68
C ALA A 276 33.57 -5.15 7.02
N GLU A 277 34.77 -5.57 7.38
CA GLU A 277 34.98 -6.94 7.81
C GLU A 277 34.29 -7.22 9.13
N VAL A 278 34.49 -6.36 10.14
CA VAL A 278 33.88 -6.63 11.44
C VAL A 278 32.38 -6.32 11.46
N PHE A 279 31.88 -5.48 10.55
CA PHE A 279 30.46 -5.19 10.52
C PHE A 279 29.64 -6.45 10.26
N ALA A 280 30.11 -7.30 9.35
CA ALA A 280 29.36 -8.51 9.02
C ALA A 280 29.35 -9.52 10.17
N GLU A 281 30.36 -9.47 11.04
CA GLU A 281 30.39 -10.36 12.20
C GLU A 281 29.56 -9.82 13.35
N LEU A 282 29.31 -8.51 13.38
CA LEU A 282 28.47 -7.94 14.43
C LEU A 282 27.01 -8.31 14.21
N VAL A 283 26.53 -8.21 12.97
CA VAL A 283 25.15 -8.59 12.66
C VAL A 283 24.95 -10.07 12.89
N ASP A 284 25.92 -10.90 12.50
CA ASP A 284 25.83 -12.33 12.75
C ASP A 284 25.68 -12.63 14.24
N ALA A 285 26.48 -11.97 15.07
CA ALA A 285 26.34 -12.16 16.50
C ALA A 285 25.06 -11.55 17.03
N ALA A 286 24.50 -10.55 16.34
CA ALA A 286 23.29 -9.89 16.82
C ALA A 286 22.07 -10.79 16.66
N ILE A 287 21.96 -11.50 15.53
CA ILE A 287 20.74 -12.26 15.25
C ILE A 287 20.67 -13.59 15.97
N VAL A 288 21.71 -13.97 16.72
CA VAL A 288 21.64 -15.11 17.63
C VAL A 288 21.85 -14.66 19.07
N SER A 289 21.71 -13.35 19.32
CA SER A 289 21.94 -12.78 20.64
C SER A 289 20.89 -13.22 21.66
N ASP A 290 19.80 -13.85 21.24
CA ASP A 290 18.75 -14.31 22.13
C ASP A 290 18.89 -15.78 22.48
N ARG A 291 19.85 -16.48 21.92
CA ARG A 291 20.00 -17.91 22.16
C ARG A 291 20.84 -18.21 23.41
N ASN B 1 -20.73 -15.18 0.27
CA ASN B 1 -20.98 -13.75 0.43
C ASN B 1 -21.02 -13.04 -0.93
N ALA B 2 -20.17 -13.49 -1.83
CA ALA B 2 -19.88 -12.76 -3.08
C ALA B 2 -19.58 -13.76 -4.17
N MET B 3 -19.98 -13.42 -5.40
CA MET B 3 -19.73 -14.26 -6.55
C MET B 3 -18.40 -13.87 -7.19
N VAL B 4 -17.65 -14.87 -7.62
CA VAL B 4 -16.33 -14.70 -8.20
C VAL B 4 -16.32 -15.35 -9.59
N VAL B 5 -15.86 -14.61 -10.58
CA VAL B 5 -15.76 -15.11 -11.95
C VAL B 5 -14.32 -14.94 -12.42
N THR B 6 -13.69 -16.05 -12.74
CA THR B 6 -12.34 -16.03 -13.28
C THR B 6 -12.37 -15.62 -14.74
N LEU B 7 -11.20 -15.23 -15.27
CA LEU B 7 -11.14 -14.70 -16.63
C LEU B 7 -11.38 -15.76 -17.69
N ASP B 8 -11.19 -17.02 -17.35
CA ASP B 8 -11.63 -18.08 -18.27
C ASP B 8 -13.12 -18.03 -18.50
N GLY B 9 -13.86 -17.59 -17.48
CA GLY B 9 -15.32 -17.60 -17.49
C GLY B 9 -15.88 -18.54 -16.45
N GLU B 10 -15.03 -19.33 -15.78
CA GLU B 10 -15.51 -20.22 -14.75
C GLU B 10 -15.99 -19.40 -13.55
N ILE B 11 -17.11 -19.83 -12.99
CA ILE B 11 -17.71 -19.18 -11.83
C ILE B 11 -17.39 -20.02 -10.60
N LEU B 12 -16.74 -19.40 -9.63
CA LEU B 12 -16.14 -20.11 -8.51
C LEU B 12 -17.20 -20.77 -7.67
N GLN B 13 -16.81 -21.84 -7.01
CA GLN B 13 -17.66 -22.38 -5.95
C GLN B 13 -17.89 -21.26 -4.95
N PRO B 14 -19.06 -21.22 -4.31
CA PRO B 14 -19.34 -20.10 -3.38
C PRO B 14 -18.41 -20.04 -2.18
N GLY B 15 -18.18 -21.14 -1.48
CA GLY B 15 -17.34 -21.12 -0.30
C GLY B 15 -15.91 -21.56 -0.47
N MET B 16 -15.40 -21.57 -1.69
CA MET B 16 -14.06 -22.15 -1.74
C MET B 16 -13.00 -21.07 -1.84
N PRO B 17 -11.86 -21.23 -1.16
CA PRO B 17 -10.80 -20.22 -1.25
C PRO B 17 -10.18 -20.19 -2.64
N LEU B 18 -9.75 -18.99 -3.04
CA LEU B 18 -9.25 -18.74 -4.39
C LEU B 18 -7.75 -18.55 -4.50
N LEU B 19 -7.13 -17.84 -3.57
CA LEU B 19 -5.75 -17.40 -3.73
C LEU B 19 -4.80 -18.23 -2.88
N HIS B 20 -3.63 -18.51 -3.44
CA HIS B 20 -2.60 -19.21 -2.68
C HIS B 20 -1.99 -18.28 -1.63
N ALA B 21 -1.36 -18.89 -0.63
CA ALA B 21 -0.81 -18.13 0.48
C ALA B 21 0.36 -17.24 0.07
N ASP B 22 0.96 -17.51 -1.10
CA ASP B 22 2.10 -16.72 -1.57
C ASP B 22 1.72 -15.81 -2.74
N ASP B 23 0.45 -15.45 -2.86
CA ASP B 23 0.05 -14.54 -3.91
C ASP B 23 0.50 -13.13 -3.56
N LEU B 24 1.16 -12.46 -4.52
CA LEU B 24 1.69 -11.13 -4.28
C LEU B 24 0.61 -10.09 -3.97
N ALA B 25 -0.66 -10.41 -4.22
CA ALA B 25 -1.73 -9.52 -3.81
C ALA B 25 -1.86 -9.48 -2.30
N ALA B 26 -1.73 -10.64 -1.64
CA ALA B 26 -1.84 -10.73 -0.19
C ALA B 26 -0.52 -10.48 0.52
N VAL B 27 0.58 -10.95 -0.06
CA VAL B 27 1.87 -10.82 0.60
C VAL B 27 2.44 -9.41 0.42
N ARG B 28 2.11 -8.73 -0.68
CA ARG B 28 2.69 -7.42 -0.97
C ARG B 28 1.70 -6.37 -1.41
N GLY B 29 0.40 -6.69 -1.51
CA GLY B 29 -0.53 -5.76 -2.11
C GLY B 29 -0.13 -5.36 -3.51
N ASP B 30 0.56 -6.24 -4.23
CA ASP B 30 1.25 -5.91 -5.48
C ASP B 30 0.32 -6.23 -6.63
N GLY B 31 -0.53 -5.27 -6.97
CA GLY B 31 -1.47 -5.45 -8.07
C GLY B 31 -2.28 -4.18 -8.24
N VAL B 32 -3.21 -4.22 -9.20
CA VAL B 32 -4.07 -3.10 -9.49
C VAL B 32 -5.52 -3.59 -9.47
N PHE B 33 -6.45 -2.65 -9.31
CA PHE B 33 -7.85 -3.01 -9.26
C PHE B 33 -8.70 -1.84 -9.74
N GLU B 34 -9.96 -2.15 -10.04
CA GLU B 34 -10.96 -1.16 -10.39
C GLU B 34 -12.27 -1.51 -9.68
N THR B 35 -13.14 -0.51 -9.56
CA THR B 35 -14.44 -0.68 -8.94
C THR B 35 -15.51 -0.12 -9.87
N LEU B 36 -16.55 -0.92 -10.11
CA LEU B 36 -17.65 -0.53 -10.97
C LEU B 36 -18.97 -0.74 -10.25
N LEU B 37 -19.97 0.06 -10.62
CA LEU B 37 -21.31 -0.07 -10.07
C LEU B 37 -22.19 -0.80 -11.07
N VAL B 38 -22.82 -1.88 -10.62
CA VAL B 38 -23.81 -2.59 -11.42
C VAL B 38 -25.17 -1.98 -11.14
N ARG B 39 -25.78 -1.38 -12.17
CA ARG B 39 -27.05 -0.68 -12.03
C ARG B 39 -27.91 -0.92 -13.26
N ASP B 40 -29.14 -1.39 -13.02
CA ASP B 40 -30.13 -1.61 -14.07
C ASP B 40 -29.61 -2.59 -15.12
N GLY B 41 -29.20 -3.78 -14.65
CA GLY B 41 -28.87 -4.88 -15.51
C GLY B 41 -27.51 -4.84 -16.16
N ARG B 42 -26.74 -3.76 -15.98
CA ARG B 42 -25.45 -3.65 -16.64
C ARG B 42 -24.49 -2.91 -15.73
N ALA B 43 -23.21 -3.24 -15.85
CA ALA B 43 -22.16 -2.49 -15.17
C ALA B 43 -21.94 -1.15 -15.89
N CYS B 44 -21.66 -0.12 -15.10
CA CYS B 44 -21.59 1.25 -15.62
C CYS B 44 -20.19 1.56 -16.10
N LEU B 45 -20.09 2.19 -17.27
CA LEU B 45 -18.84 2.70 -17.82
C LEU B 45 -17.76 1.63 -17.84
N VAL B 46 -18.10 0.47 -18.41
CA VAL B 46 -17.19 -0.68 -18.37
C VAL B 46 -15.90 -0.37 -19.12
N GLU B 47 -16.02 0.18 -20.33
CA GLU B 47 -14.83 0.42 -21.14
C GLU B 47 -13.88 1.42 -20.51
N ALA B 48 -14.42 2.52 -19.98
CA ALA B 48 -13.57 3.53 -19.36
C ALA B 48 -12.85 2.99 -18.14
N HIS B 49 -13.47 2.06 -17.40
CA HIS B 49 -12.80 1.46 -16.26
C HIS B 49 -11.74 0.45 -16.70
N LEU B 50 -12.01 -0.30 -17.77
CA LEU B 50 -10.99 -1.17 -18.33
C LEU B 50 -9.82 -0.37 -18.88
N GLN B 51 -10.09 0.83 -19.39
CA GLN B 51 -9.01 1.66 -19.90
C GLN B 51 -8.08 2.10 -18.77
N ARG B 52 -8.64 2.49 -17.63
CA ARG B 52 -7.82 2.91 -16.50
C ARG B 52 -7.09 1.72 -15.88
N LEU B 53 -7.74 0.55 -15.82
CA LEU B 53 -7.05 -0.65 -15.36
C LEU B 53 -5.84 -0.95 -16.23
N THR B 54 -5.98 -0.77 -17.55
CA THR B 54 -4.84 -0.91 -18.45
C THR B 54 -3.74 0.09 -18.10
N GLN B 55 -4.13 1.33 -17.78
CA GLN B 55 -3.13 2.35 -17.44
C GLN B 55 -2.47 2.06 -16.09
N SER B 56 -3.25 1.61 -15.11
CA SER B 56 -2.65 1.24 -13.83
C SER B 56 -1.71 0.06 -14.00
N ALA B 57 -2.07 -0.90 -14.86
CA ALA B 57 -1.21 -2.05 -15.08
C ALA B 57 0.11 -1.64 -15.72
N ARG B 58 0.08 -0.63 -16.60
CA ARG B 58 1.30 -0.15 -17.23
C ARG B 58 2.24 0.47 -16.20
N LEU B 59 1.72 1.34 -15.34
CA LEU B 59 2.55 1.96 -14.31
C LEU B 59 3.10 0.95 -13.32
N MET B 60 2.43 -0.20 -13.17
CA MET B 60 2.84 -1.24 -12.23
C MET B 60 3.63 -2.36 -12.89
N ASP B 61 4.03 -2.19 -14.15
CA ASP B 61 4.82 -3.19 -14.88
C ASP B 61 4.12 -4.53 -14.94
N LEU B 62 2.80 -4.52 -14.93
CA LEU B 62 2.02 -5.73 -15.09
C LEU B 62 1.78 -6.02 -16.56
N PRO B 63 1.56 -7.28 -16.94
CA PRO B 63 1.25 -7.57 -18.34
C PRO B 63 -0.02 -6.85 -18.77
N GLU B 64 -0.05 -6.44 -20.03
CA GLU B 64 -1.19 -5.70 -20.54
C GLU B 64 -2.45 -6.56 -20.42
N PRO B 65 -3.52 -6.07 -19.80
CA PRO B 65 -4.68 -6.92 -19.56
C PRO B 65 -5.35 -7.35 -20.86
N ASP B 66 -5.73 -8.62 -20.92
CA ASP B 66 -6.44 -9.19 -22.06
C ASP B 66 -7.89 -8.72 -22.00
N LEU B 67 -8.18 -7.63 -22.72
CA LEU B 67 -9.49 -6.99 -22.58
C LEU B 67 -10.66 -7.85 -23.02
N PRO B 68 -10.58 -8.65 -24.10
CA PRO B 68 -11.70 -9.55 -24.42
C PRO B 68 -12.05 -10.50 -23.29
N ARG B 69 -11.04 -11.06 -22.61
CA ARG B 69 -11.33 -11.95 -21.50
C ARG B 69 -11.89 -11.18 -20.31
N TRP B 70 -11.39 -9.97 -20.08
CA TRP B 70 -11.94 -9.13 -19.01
C TRP B 70 -13.38 -8.74 -19.30
N ARG B 71 -13.69 -8.42 -20.56
CA ARG B 71 -15.05 -8.00 -20.89
C ARG B 71 -16.04 -9.14 -20.66
N ARG B 72 -15.64 -10.37 -20.96
CA ARG B 72 -16.54 -11.51 -20.81
C ARG B 72 -16.79 -11.82 -19.33
N ALA B 73 -15.74 -11.81 -18.52
CA ALA B 73 -15.89 -12.10 -17.10
C ALA B 73 -16.78 -11.07 -16.41
N VAL B 74 -16.66 -9.81 -16.82
CA VAL B 74 -17.53 -8.76 -16.28
C VAL B 74 -18.99 -9.11 -16.53
N GLU B 75 -19.31 -9.44 -17.78
CA GLU B 75 -20.69 -9.80 -18.14
C GLU B 75 -21.19 -10.96 -17.29
N VAL B 76 -20.44 -12.06 -17.28
CA VAL B 76 -20.84 -13.26 -16.54
C VAL B 76 -21.15 -12.91 -15.10
N ALA B 77 -20.29 -12.11 -14.47
CA ALA B 77 -20.56 -11.66 -13.10
C ALA B 77 -21.79 -10.76 -13.06
N THR B 78 -21.93 -9.87 -14.03
CA THR B 78 -23.10 -9.00 -14.09
C THR B 78 -24.38 -9.82 -14.22
N GLN B 79 -24.43 -10.74 -15.19
CA GLN B 79 -25.66 -11.47 -15.47
C GLN B 79 -26.09 -12.33 -14.28
N ARG B 80 -25.13 -12.98 -13.61
CA ARG B 80 -25.46 -13.76 -12.43
C ARG B 80 -25.97 -12.88 -11.30
N TRP B 81 -25.39 -11.68 -11.16
CA TRP B 81 -25.83 -10.78 -10.09
C TRP B 81 -27.24 -10.26 -10.33
N VAL B 82 -27.50 -9.72 -11.52
CA VAL B 82 -28.84 -9.21 -11.82
C VAL B 82 -29.87 -10.32 -11.73
N ALA B 83 -29.49 -11.54 -12.11
CA ALA B 83 -30.40 -12.67 -12.00
C ALA B 83 -30.74 -12.97 -10.54
N SER B 84 -29.76 -12.81 -9.64
CA SER B 84 -29.99 -13.14 -8.24
C SER B 84 -30.75 -12.05 -7.49
N THR B 85 -30.65 -10.80 -7.94
CA THR B 85 -31.24 -9.68 -7.22
C THR B 85 -31.35 -8.49 -8.14
N ALA B 86 -32.31 -7.61 -7.84
CA ALA B 86 -32.44 -6.33 -8.51
C ALA B 86 -31.64 -5.22 -7.85
N ASP B 87 -31.03 -5.47 -6.70
CA ASP B 87 -30.23 -4.47 -6.02
C ASP B 87 -29.02 -4.06 -6.86
N GLU B 88 -28.47 -2.90 -6.53
CA GLU B 88 -27.24 -2.45 -7.16
C GLU B 88 -26.10 -3.40 -6.78
N GLY B 89 -25.07 -3.42 -7.60
CA GLY B 89 -23.96 -4.31 -7.39
C GLY B 89 -22.63 -3.58 -7.39
N ALA B 90 -21.74 -4.02 -6.51
CA ALA B 90 -20.37 -3.52 -6.46
C ALA B 90 -19.48 -4.56 -7.11
N LEU B 91 -18.97 -4.25 -8.30
CA LEU B 91 -18.17 -5.17 -9.08
C LEU B 91 -16.72 -4.68 -9.07
N ARG B 92 -15.79 -5.59 -8.77
CA ARG B 92 -14.38 -5.24 -8.72
C ARG B 92 -13.57 -6.15 -9.62
N LEU B 93 -12.56 -5.56 -10.27
CA LEU B 93 -11.58 -6.30 -11.07
C LEU B 93 -10.28 -6.29 -10.30
N ILE B 94 -9.74 -7.48 -10.03
CA ILE B 94 -8.47 -7.61 -9.29
C ILE B 94 -7.44 -8.24 -10.22
N TYR B 95 -6.30 -7.57 -10.35
CA TYR B 95 -5.24 -7.95 -11.29
C TYR B 95 -3.93 -7.86 -10.53
N SER B 96 -3.43 -9.00 -10.07
CA SER B 96 -2.24 -9.08 -9.24
C SER B 96 -1.06 -9.65 -10.03
N ARG B 97 0.14 -9.38 -9.54
CA ARG B 97 1.35 -9.86 -10.20
C ARG B 97 1.45 -11.39 -10.22
N GLY B 98 0.64 -12.08 -9.43
CA GLY B 98 0.66 -13.52 -9.38
C GLY B 98 1.30 -14.05 -8.11
N ARG B 99 1.78 -15.28 -8.21
CA ARG B 99 2.41 -15.93 -7.08
C ARG B 99 3.92 -15.70 -7.10
N GLU B 100 4.54 -15.80 -5.93
CA GLU B 100 5.99 -15.68 -5.83
C GLU B 100 6.67 -16.74 -6.69
N GLY B 101 7.43 -16.30 -7.68
CA GLY B 101 8.02 -17.20 -8.64
C GLY B 101 7.09 -17.70 -9.72
N GLY B 102 5.81 -17.33 -9.66
CA GLY B 102 4.89 -17.73 -10.70
C GLY B 102 5.14 -16.99 -12.00
N SER B 103 4.55 -17.51 -13.08
CA SER B 103 4.76 -16.97 -14.41
C SER B 103 3.48 -16.41 -15.03
N ALA B 104 2.40 -16.26 -14.24
CA ALA B 104 1.14 -15.77 -14.77
C ALA B 104 0.45 -14.90 -13.72
N PRO B 105 -0.05 -13.73 -14.09
CA PRO B 105 -0.79 -12.91 -13.13
C PRO B 105 -2.09 -13.57 -12.71
N THR B 106 -2.55 -13.24 -11.52
CA THR B 106 -3.85 -13.69 -11.04
C THR B 106 -4.87 -12.60 -11.35
N ALA B 107 -6.01 -13.01 -11.92
CA ALA B 107 -7.02 -12.07 -12.37
C ALA B 107 -8.39 -12.68 -12.20
N TYR B 108 -9.30 -11.95 -11.57
CA TYR B 108 -10.67 -12.40 -11.41
C TYR B 108 -11.58 -11.20 -11.24
N VAL B 109 -12.88 -11.46 -11.34
CA VAL B 109 -13.92 -10.45 -11.20
C VAL B 109 -14.75 -10.82 -9.98
N MET B 110 -15.12 -9.82 -9.20
CA MET B 110 -15.86 -10.02 -7.96
C MET B 110 -17.01 -9.03 -7.91
N VAL B 111 -18.20 -9.53 -7.62
CA VAL B 111 -19.37 -8.69 -7.40
C VAL B 111 -19.92 -9.00 -6.02
N SER B 112 -20.17 -7.95 -5.24
CA SER B 112 -20.60 -8.09 -3.86
C SER B 112 -21.71 -7.07 -3.59
N PRO B 113 -22.43 -7.17 -2.47
CA PRO B 113 -23.46 -6.17 -2.18
C PRO B 113 -22.86 -4.79 -1.96
N VAL B 114 -23.65 -3.78 -2.23
CA VAL B 114 -23.25 -2.39 -2.00
C VAL B 114 -23.38 -2.08 -0.52
N PRO B 115 -22.35 -1.54 0.13
CA PRO B 115 -22.42 -1.30 1.58
C PRO B 115 -23.53 -0.30 1.93
N ALA B 116 -24.03 -0.44 3.15
CA ALA B 116 -25.09 0.44 3.64
C ALA B 116 -24.64 1.89 3.73
N ARG B 117 -23.34 2.13 3.90
CA ARG B 117 -22.83 3.49 3.95
C ARG B 117 -23.13 4.27 2.68
N VAL B 118 -23.24 3.59 1.54
CA VAL B 118 -23.36 4.26 0.26
C VAL B 118 -24.67 5.03 0.17
N ILE B 119 -25.78 4.45 0.62
CA ILE B 119 -27.08 5.12 0.46
C ILE B 119 -27.14 6.38 1.31
N GLY B 120 -26.57 6.33 2.52
CA GLY B 120 -26.55 7.53 3.34
C GLY B 120 -25.69 8.63 2.74
N ALA B 121 -24.55 8.26 2.14
CA ALA B 121 -23.67 9.24 1.53
C ALA B 121 -24.31 9.89 0.31
N ARG B 122 -25.02 9.10 -0.51
CA ARG B 122 -25.72 9.66 -1.65
C ARG B 122 -26.85 10.58 -1.21
N ARG B 123 -27.63 10.15 -0.21
CA ARG B 123 -28.80 10.90 0.21
C ARG B 123 -28.43 12.07 1.10
N ASP B 124 -27.67 11.82 2.17
CA ASP B 124 -27.41 12.82 3.20
C ASP B 124 -26.09 13.54 3.04
N GLY B 125 -25.20 13.05 2.19
CA GLY B 125 -23.86 13.60 2.16
C GLY B 125 -23.07 13.15 3.38
N VAL B 126 -21.92 13.78 3.56
CA VAL B 126 -20.99 13.42 4.63
C VAL B 126 -20.34 14.68 5.19
N SER B 127 -19.72 14.52 6.35
CA SER B 127 -18.83 15.52 6.91
C SER B 127 -17.40 15.04 6.73
N ALA B 128 -16.50 15.97 6.40
CA ALA B 128 -15.13 15.62 6.07
C ALA B 128 -14.19 16.57 6.78
N ILE B 129 -12.95 16.11 6.95
CA ILE B 129 -11.87 16.94 7.48
C ILE B 129 -10.77 16.98 6.44
N THR B 130 -10.01 18.07 6.45
CA THR B 130 -8.83 18.19 5.62
C THR B 130 -7.63 17.63 6.38
N LEU B 131 -6.83 16.83 5.69
CA LEU B 131 -5.63 16.25 6.27
C LEU B 131 -4.46 16.45 5.32
N ASP B 132 -3.31 16.77 5.89
CA ASP B 132 -2.11 16.94 5.09
C ASP B 132 -1.65 15.59 4.54
N ARG B 133 -1.38 15.55 3.25
CA ARG B 133 -0.94 14.33 2.60
C ARG B 133 0.57 14.15 2.68
N GLY B 134 1.31 15.24 2.82
CA GLY B 134 2.76 15.20 2.81
C GLY B 134 3.39 15.28 1.45
N LEU B 135 2.62 15.40 0.38
CA LEU B 135 3.21 15.46 -0.93
C LEU B 135 3.02 16.85 -1.52
N PRO B 136 4.02 17.36 -2.23
CA PRO B 136 3.86 18.63 -2.94
C PRO B 136 3.07 18.45 -4.23
N ALA B 137 2.53 19.56 -4.71
CA ALA B 137 1.69 19.54 -5.90
C ALA B 137 2.46 19.10 -7.15
N ASP B 138 3.78 19.30 -7.18
CA ASP B 138 4.61 18.84 -8.28
C ASP B 138 5.01 17.37 -8.18
N GLY B 139 4.53 16.66 -7.15
CA GLY B 139 5.02 15.31 -6.89
C GLY B 139 4.74 14.32 -8.01
N GLY B 140 3.60 14.45 -8.67
CA GLY B 140 3.22 13.48 -9.69
C GLY B 140 4.21 13.41 -10.84
N ASP B 141 4.67 14.57 -11.31
CA ASP B 141 5.61 14.60 -12.43
C ASP B 141 7.03 14.24 -12.00
N ALA B 142 7.49 14.82 -10.89
CA ALA B 142 8.90 14.70 -10.51
C ALA B 142 9.24 13.32 -9.96
N MET B 143 8.27 12.59 -9.40
CA MET B 143 8.53 11.34 -8.68
C MET B 143 7.61 10.25 -9.21
N PRO B 144 7.92 9.69 -10.39
CA PRO B 144 7.08 8.60 -10.92
C PRO B 144 7.25 7.29 -10.18
N TRP B 145 8.35 7.10 -9.44
CA TRP B 145 8.54 5.86 -8.70
C TRP B 145 7.51 5.69 -7.59
N LEU B 146 6.89 6.77 -7.14
CA LEU B 146 5.82 6.70 -6.15
C LEU B 146 4.50 6.24 -6.75
N ILE B 147 4.41 6.18 -8.09
CA ILE B 147 3.27 5.67 -8.85
C ILE B 147 1.94 6.14 -8.28
N ALA B 148 1.86 7.44 -7.93
CA ALA B 148 0.66 7.95 -7.28
C ALA B 148 -0.57 7.91 -8.17
N SER B 149 -0.41 7.81 -9.49
CA SER B 149 -1.53 7.74 -10.42
C SER B 149 -2.02 6.32 -10.66
N ALA B 150 -1.35 5.31 -10.10
CA ALA B 150 -1.78 3.94 -10.24
C ALA B 150 -2.77 3.59 -9.12
N LYS B 151 -3.87 2.95 -9.48
CA LYS B 151 -4.86 2.48 -8.51
C LYS B 151 -4.49 1.06 -8.11
N THR B 152 -3.71 0.93 -7.05
CA THR B 152 -3.13 -0.35 -6.64
C THR B 152 -3.91 -0.98 -5.49
N LEU B 153 -3.57 -2.24 -5.22
CA LEU B 153 -4.14 -3.00 -4.11
C LEU B 153 -3.58 -2.63 -2.76
N SER B 154 -2.66 -1.66 -2.70
CA SER B 154 -2.01 -1.29 -1.43
C SER B 154 -2.75 -0.11 -0.80
N TYR B 155 -3.87 -0.42 -0.16
CA TYR B 155 -4.79 0.57 0.38
C TYR B 155 -4.74 0.67 1.91
N ALA B 156 -3.68 0.17 2.54
CA ALA B 156 -3.60 0.18 3.99
C ALA B 156 -3.67 1.59 4.55
N VAL B 157 -2.89 2.51 3.96
CA VAL B 157 -2.85 3.87 4.46
C VAL B 157 -4.17 4.59 4.21
N ASN B 158 -4.81 4.31 3.07
CA ASN B 158 -6.09 4.93 2.77
C ASN B 158 -7.12 4.60 3.85
N MET B 159 -7.19 3.32 4.24
CA MET B 159 -8.16 2.92 5.27
C MET B 159 -7.78 3.46 6.64
N ALA B 160 -6.47 3.53 6.92
CA ALA B 160 -6.02 4.10 8.20
C ALA B 160 -6.40 5.57 8.29
N VAL B 161 -6.34 6.30 7.18
CA VAL B 161 -6.71 7.71 7.18
C VAL B 161 -8.19 7.87 7.51
N LEU B 162 -9.04 7.01 6.96
CA LEU B 162 -10.46 7.09 7.27
C LEU B 162 -10.74 6.68 8.71
N ARG B 163 -10.01 5.70 9.23
CA ARG B 163 -10.19 5.32 10.64
C ARG B 163 -9.82 6.48 11.55
N HIS B 164 -8.75 7.20 11.23
CA HIS B 164 -8.39 8.39 11.99
C HIS B 164 -9.50 9.43 11.92
N ALA B 165 -9.99 9.71 10.71
CA ALA B 165 -11.08 10.67 10.56
C ALA B 165 -12.33 10.21 11.29
N ALA B 166 -12.62 8.90 11.24
CA ALA B 166 -13.79 8.39 11.95
C ALA B 166 -13.67 8.65 13.45
N ARG B 167 -12.48 8.49 14.02
CA ARG B 167 -12.28 8.77 15.43
C ARG B 167 -12.47 10.25 15.74
N GLN B 168 -12.31 11.12 14.74
CA GLN B 168 -12.59 12.55 14.91
C GLN B 168 -14.04 12.89 14.57
N GLY B 169 -14.90 11.89 14.39
CA GLY B 169 -16.28 12.13 14.05
C GLY B 169 -16.51 12.57 12.62
N ALA B 170 -15.56 12.32 11.73
CA ALA B 170 -15.67 12.70 10.32
C ALA B 170 -15.86 11.47 9.45
N GLY B 171 -16.69 11.61 8.43
CA GLY B 171 -17.03 10.51 7.55
C GLY B 171 -16.08 10.29 6.39
N ASP B 172 -15.27 11.29 6.06
CA ASP B 172 -14.32 11.18 4.96
C ASP B 172 -13.23 12.22 5.14
N VAL B 173 -12.30 12.26 4.18
CA VAL B 173 -11.10 13.08 4.26
C VAL B 173 -10.86 13.75 2.92
N ILE B 174 -10.40 14.99 2.96
CA ILE B 174 -9.87 15.68 1.79
C ILE B 174 -8.39 15.93 2.02
N PHE B 175 -7.55 15.34 1.18
CA PHE B 175 -6.11 15.51 1.29
C PHE B 175 -5.67 16.87 0.77
N VAL B 176 -4.76 17.51 1.50
CA VAL B 176 -4.16 18.78 1.09
C VAL B 176 -2.65 18.58 0.95
N SER B 177 -2.08 19.16 -0.11
CA SER B 177 -0.66 19.06 -0.35
C SER B 177 0.13 19.91 0.64
N THR B 178 1.45 19.69 0.67
CA THR B 178 2.30 20.44 1.59
C THR B 178 2.28 21.94 1.29
N ASP B 179 2.10 22.31 0.03
CA ASP B 179 2.00 23.72 -0.36
C ASP B 179 0.56 24.23 -0.35
N GLY B 180 -0.37 23.47 0.24
CA GLY B 180 -1.70 23.98 0.48
C GLY B 180 -2.67 23.87 -0.67
N TYR B 181 -2.46 22.91 -1.57
CA TYR B 181 -3.36 22.70 -2.71
C TYR B 181 -4.15 21.43 -2.49
N VAL B 182 -5.46 21.49 -2.78
CA VAL B 182 -6.32 20.33 -2.63
C VAL B 182 -5.91 19.25 -3.61
N LEU B 183 -5.82 18.01 -3.12
CA LEU B 183 -5.37 16.88 -3.92
C LEU B 183 -6.52 15.95 -4.26
N GLU B 184 -6.98 15.14 -3.31
CA GLU B 184 -7.96 14.10 -3.61
C GLU B 184 -8.49 13.56 -2.28
N GLY B 185 -9.41 12.60 -2.37
CA GLY B 185 -9.86 11.86 -1.22
C GLY B 185 -9.21 10.49 -1.19
N PRO B 186 -9.19 9.86 -0.01
CA PRO B 186 -8.64 8.50 0.08
C PRO B 186 -9.36 7.49 -0.80
N ARG B 187 -10.63 7.75 -1.14
CA ARG B 187 -11.39 6.85 -1.99
C ARG B 187 -12.25 7.59 -3.02
N SER B 188 -11.98 8.87 -3.27
CA SER B 188 -12.88 9.65 -4.10
C SER B 188 -12.13 10.82 -4.74
N THR B 189 -12.76 11.38 -5.77
CA THR B 189 -12.29 12.59 -6.43
C THR B 189 -13.08 13.79 -5.92
N VAL B 190 -12.40 14.91 -5.71
CA VAL B 190 -13.02 16.12 -5.20
C VAL B 190 -13.48 16.98 -6.38
N VAL B 191 -14.74 17.41 -6.35
CA VAL B 191 -15.28 18.35 -7.32
C VAL B 191 -16.07 19.44 -6.59
N ILE B 192 -15.92 20.68 -7.04
CA ILE B 192 -16.59 21.81 -6.42
C ILE B 192 -17.37 22.57 -7.50
N ALA B 193 -18.44 23.24 -7.07
CA ALA B 193 -19.21 24.13 -7.94
C ALA B 193 -18.89 25.58 -7.59
N THR B 194 -18.56 26.38 -8.61
CA THR B 194 -18.14 27.76 -8.44
C THR B 194 -18.65 28.57 -9.63
N ASP B 195 -18.75 29.89 -9.44
CA ASP B 195 -19.11 30.79 -10.54
C ASP B 195 -17.84 31.20 -11.30
N GLY B 196 -18.04 31.60 -12.55
CA GLY B 196 -16.94 32.01 -13.40
C GLY B 196 -16.21 33.24 -12.89
N ASN B 202 -22.38 30.60 -15.86
CA ASN B 202 -21.89 31.00 -14.55
C ASN B 202 -21.46 29.81 -13.69
N PRO B 203 -22.38 28.87 -13.39
CA PRO B 203 -22.00 27.77 -12.50
C PRO B 203 -21.02 26.83 -13.21
N CYS B 204 -19.89 26.60 -12.58
CA CYS B 204 -18.83 25.82 -13.20
C CYS B 204 -18.37 24.74 -12.25
N LEU B 205 -18.08 23.57 -12.81
CA LEU B 205 -17.64 22.42 -12.03
C LEU B 205 -16.13 22.28 -12.17
N LEU B 206 -15.46 22.00 -11.05
CA LEU B 206 -14.02 22.08 -11.00
C LEU B 206 -13.46 20.94 -10.17
N THR B 207 -12.30 20.43 -10.57
CA THR B 207 -11.64 19.31 -9.95
C THR B 207 -10.14 19.62 -9.96
N PRO B 208 -9.39 19.10 -8.98
CA PRO B 208 -7.97 19.46 -8.87
C PRO B 208 -7.20 19.11 -10.12
N PRO B 209 -6.06 19.77 -10.36
CA PRO B 209 -5.33 19.53 -11.58
C PRO B 209 -4.84 18.10 -11.60
N PRO B 210 -4.89 17.48 -12.76
CA PRO B 210 -4.68 16.03 -12.88
C PRO B 210 -3.26 15.60 -13.14
N TRP B 211 -2.32 16.54 -13.33
CA TRP B 211 -0.90 16.22 -13.26
C TRP B 211 -0.40 16.16 -11.83
N TYR B 212 -1.29 16.46 -10.86
CA TYR B 212 -1.00 16.28 -9.46
C TYR B 212 -0.80 14.80 -9.12
N PRO B 213 -0.16 14.50 -7.97
CA PRO B 213 -0.02 13.10 -7.54
C PRO B 213 -1.33 12.53 -7.04
N ILE B 214 -2.32 12.38 -7.92
CA ILE B 214 -3.64 11.95 -7.54
C ILE B 214 -4.11 10.88 -8.52
N LEU B 215 -5.24 10.26 -8.19
CA LEU B 215 -5.84 9.28 -9.08
C LEU B 215 -6.85 9.98 -9.96
N ARG B 216 -6.80 9.71 -11.27
CA ARG B 216 -7.78 10.28 -12.18
C ARG B 216 -9.11 9.55 -12.07
N GLY B 217 -10.18 10.31 -12.02
CA GLY B 217 -11.50 9.79 -11.78
C GLY B 217 -12.32 9.44 -13.01
N THR B 218 -12.63 8.16 -13.17
CA THR B 218 -13.48 7.73 -14.28
C THR B 218 -14.84 8.38 -14.20
N THR B 219 -15.44 8.40 -13.00
CA THR B 219 -16.75 9.01 -12.84
C THR B 219 -16.69 10.53 -12.99
N GLN B 220 -15.64 11.15 -12.47
CA GLN B 220 -15.49 12.60 -12.62
C GLN B 220 -15.35 13.00 -14.08
N GLN B 221 -14.53 12.25 -14.84
CA GLN B 221 -14.36 12.55 -16.26
C GLN B 221 -15.67 12.40 -17.02
N ALA B 222 -16.45 11.37 -16.72
CA ALA B 222 -17.75 11.21 -17.35
C ALA B 222 -18.71 12.32 -16.94
N LEU B 223 -18.65 12.76 -15.69
CA LEU B 223 -19.47 13.88 -15.25
C LEU B 223 -19.16 15.13 -16.05
N PHE B 224 -17.89 15.37 -16.36
CA PHE B 224 -17.52 16.56 -17.12
C PHE B 224 -18.13 16.53 -18.52
N GLU B 225 -18.25 15.33 -19.10
CA GLU B 225 -18.82 15.22 -20.44
C GLU B 225 -20.31 15.55 -20.44
N VAL B 226 -21.05 15.08 -19.44
CA VAL B 226 -22.48 15.38 -19.36
C VAL B 226 -22.70 16.83 -18.94
N ALA B 227 -21.88 17.33 -18.02
CA ALA B 227 -22.05 18.70 -17.55
C ALA B 227 -21.75 19.71 -18.64
N ARG B 228 -20.69 19.48 -19.43
CA ARG B 228 -20.39 20.36 -20.55
C ARG B 228 -21.53 20.37 -21.55
N ALA B 229 -22.19 19.23 -21.75
CA ALA B 229 -23.31 19.16 -22.69
C ALA B 229 -24.49 20.01 -22.22
N LYS B 230 -24.69 20.15 -20.92
CA LYS B 230 -25.77 20.98 -20.40
C LYS B 230 -25.38 22.45 -20.29
N GLY B 231 -24.23 22.85 -20.80
CA GLY B 231 -23.83 24.24 -20.79
C GLY B 231 -22.98 24.65 -19.61
N TYR B 232 -22.66 23.71 -18.72
CA TYR B 232 -21.83 24.03 -17.56
C TYR B 232 -20.36 24.06 -17.96
N ASP B 233 -19.63 25.04 -17.45
CA ASP B 233 -18.19 25.11 -17.68
C ASP B 233 -17.48 24.15 -16.73
N CYS B 234 -16.52 23.39 -17.28
CA CYS B 234 -15.76 22.43 -16.51
C CYS B 234 -14.29 22.57 -16.85
N ASP B 235 -13.45 22.58 -15.81
CA ASP B 235 -12.02 22.77 -16.03
C ASP B 235 -11.25 22.18 -14.87
N TYR B 236 -9.96 21.95 -15.11
CA TYR B 236 -9.03 21.47 -14.10
C TYR B 236 -8.25 22.67 -13.57
N ARG B 237 -8.37 22.93 -12.27
CA ARG B 237 -7.78 24.12 -11.68
C ARG B 237 -7.11 23.77 -10.36
N ALA B 238 -6.03 24.49 -10.05
CA ALA B 238 -5.40 24.38 -8.73
C ALA B 238 -6.30 25.04 -7.70
N LEU B 239 -6.77 24.26 -6.74
CA LEU B 239 -7.66 24.74 -5.70
C LEU B 239 -6.97 24.68 -4.35
N ARG B 240 -7.31 25.64 -3.49
CA ARG B 240 -6.82 25.69 -2.13
C ARG B 240 -8.00 25.55 -1.18
N VAL B 241 -7.69 25.36 0.11
CA VAL B 241 -8.72 25.10 1.09
C VAL B 241 -9.71 26.26 1.14
N ALA B 242 -9.26 27.49 0.88
CA ALA B 242 -10.16 28.63 0.87
C ALA B 242 -11.19 28.52 -0.24
N ASP B 243 -10.83 27.94 -1.38
CA ASP B 243 -11.77 27.80 -2.48
C ASP B 243 -12.89 26.83 -2.13
N LEU B 244 -12.60 25.80 -1.32
CA LEU B 244 -13.64 24.88 -0.90
C LEU B 244 -14.67 25.58 -0.01
N PHE B 245 -14.21 26.48 0.86
CA PHE B 245 -15.13 27.14 1.79
C PHE B 245 -15.95 28.22 1.11
N ASP B 246 -15.43 28.81 0.03
CA ASP B 246 -16.17 29.83 -0.72
C ASP B 246 -17.00 29.22 -1.84
N SER B 247 -17.02 27.90 -1.95
CA SER B 247 -17.73 27.24 -3.04
C SER B 247 -19.23 27.14 -2.74
N GLN B 248 -19.98 26.81 -3.78
CA GLN B 248 -21.40 26.53 -3.65
C GLN B 248 -21.68 25.05 -3.42
N GLY B 249 -20.67 24.20 -3.55
CA GLY B 249 -20.81 22.79 -3.24
C GLY B 249 -19.50 22.03 -3.36
N ILE B 250 -19.35 20.98 -2.56
CA ILE B 250 -18.21 20.07 -2.65
C ILE B 250 -18.75 18.65 -2.64
N TRP B 251 -18.31 17.84 -3.58
CA TRP B 251 -18.74 16.44 -3.66
C TRP B 251 -17.52 15.53 -3.73
N LEU B 252 -17.64 14.38 -3.09
CA LEU B 252 -16.67 13.31 -3.21
C LEU B 252 -17.22 12.31 -4.22
N VAL B 253 -16.62 12.27 -5.40
CA VAL B 253 -17.12 11.49 -6.52
C VAL B 253 -16.27 10.24 -6.69
N SER B 254 -16.92 9.08 -6.77
CA SER B 254 -16.25 7.82 -7.00
C SER B 254 -17.20 6.91 -7.78
N SER B 255 -16.72 5.71 -8.10
CA SER B 255 -17.45 4.84 -9.01
C SER B 255 -18.59 4.09 -8.33
N MET B 256 -18.41 3.65 -7.09
CA MET B 256 -19.47 2.90 -6.42
C MET B 256 -20.41 3.82 -5.65
N THR B 257 -19.89 4.60 -4.71
CA THR B 257 -20.65 5.72 -4.15
C THR B 257 -20.46 6.89 -5.10
N LEU B 258 -21.51 7.22 -5.84
CA LEU B 258 -21.35 8.11 -7.00
C LEU B 258 -21.00 9.52 -6.55
N ALA B 259 -21.88 10.17 -5.80
CA ALA B 259 -21.63 11.53 -5.35
C ALA B 259 -22.04 11.65 -3.88
N ALA B 260 -21.11 12.13 -3.05
CA ALA B 260 -21.37 12.39 -1.64
C ALA B 260 -21.02 13.84 -1.37
N ARG B 261 -22.03 14.69 -1.22
CA ARG B 261 -21.80 16.10 -0.94
C ARG B 261 -21.19 16.29 0.45
N VAL B 262 -20.29 17.26 0.55
CA VAL B 262 -19.66 17.58 1.84
C VAL B 262 -20.49 18.69 2.48
N HIS B 263 -21.32 18.33 3.44
CA HIS B 263 -22.15 19.31 4.13
C HIS B 263 -21.43 19.97 5.30
N THR B 264 -20.35 19.37 5.80
CA THR B 264 -19.56 19.95 6.88
C THR B 264 -18.09 19.67 6.61
N LEU B 265 -17.27 20.72 6.65
CA LEU B 265 -15.83 20.60 6.42
C LEU B 265 -15.11 21.23 7.60
N ASP B 266 -14.30 20.43 8.29
CA ASP B 266 -13.53 20.88 9.44
C ASP B 266 -14.42 21.58 10.48
N GLY B 267 -15.60 21.01 10.71
CA GLY B 267 -16.51 21.51 11.72
C GLY B 267 -17.41 22.65 11.26
N ARG B 268 -16.96 23.39 10.24
CA ARG B 268 -17.76 24.48 9.70
C ARG B 268 -18.83 23.91 8.77
N ARG B 269 -20.10 24.11 9.12
CA ARG B 269 -21.17 23.65 8.25
C ARG B 269 -21.20 24.47 6.97
N LEU B 270 -21.37 23.78 5.84
CA LEU B 270 -21.28 24.43 4.54
C LEU B 270 -22.66 24.63 3.95
N PRO B 271 -22.90 25.77 3.32
CA PRO B 271 -24.23 26.07 2.78
C PRO B 271 -24.63 25.12 1.67
N ARG B 272 -25.90 24.76 1.64
CA ARG B 272 -26.45 24.02 0.51
C ARG B 272 -26.93 24.99 -0.55
N THR B 273 -26.72 24.62 -1.81
CA THR B 273 -27.01 25.45 -2.97
C THR B 273 -27.77 24.60 -3.99
N PRO B 274 -28.70 25.21 -4.74
CA PRO B 274 -29.51 24.42 -5.69
C PRO B 274 -28.75 23.44 -6.56
N ILE B 275 -27.48 23.72 -6.90
CA ILE B 275 -26.74 22.82 -7.78
C ILE B 275 -26.53 21.43 -7.18
N ALA B 276 -26.65 21.29 -5.86
CA ALA B 276 -26.42 19.98 -5.24
C ALA B 276 -27.45 18.94 -5.69
N GLU B 277 -28.70 19.36 -5.86
CA GLU B 277 -29.72 18.44 -6.34
C GLU B 277 -29.49 18.09 -7.81
N VAL B 278 -29.21 19.11 -8.64
CA VAL B 278 -28.99 18.87 -10.06
C VAL B 278 -27.66 18.17 -10.28
N PHE B 279 -26.72 18.31 -9.34
CA PHE B 279 -25.47 17.55 -9.40
C PHE B 279 -25.75 16.06 -9.29
N ALA B 280 -26.71 15.68 -8.44
CA ALA B 280 -26.98 14.27 -8.20
C ALA B 280 -27.59 13.60 -9.43
N GLU B 281 -28.29 14.36 -10.27
CA GLU B 281 -28.78 13.80 -11.52
C GLU B 281 -27.76 13.89 -12.65
N LEU B 282 -26.76 14.77 -12.52
CA LEU B 282 -25.70 14.84 -13.53
C LEU B 282 -24.81 13.61 -13.46
N VAL B 283 -24.42 13.19 -12.26
CA VAL B 283 -23.62 11.99 -12.10
C VAL B 283 -24.44 10.76 -12.51
N ASP B 284 -25.74 10.77 -12.19
CA ASP B 284 -26.61 9.67 -12.60
C ASP B 284 -26.61 9.50 -14.12
N ALA B 285 -26.69 10.61 -14.85
CA ALA B 285 -26.63 10.56 -16.31
C ALA B 285 -25.24 10.20 -16.83
N ALA B 286 -24.19 10.48 -16.06
CA ALA B 286 -22.82 10.21 -16.53
C ALA B 286 -22.53 8.72 -16.57
N ILE B 287 -22.99 7.97 -15.56
CA ILE B 287 -22.63 6.56 -15.46
C ILE B 287 -23.42 5.67 -16.40
N VAL B 288 -24.38 6.23 -17.15
CA VAL B 288 -25.04 5.52 -18.23
C VAL B 288 -24.83 6.25 -19.56
N SER B 289 -23.89 7.19 -19.62
CA SER B 289 -23.65 7.97 -20.82
C SER B 289 -23.06 7.16 -21.96
N ASP B 290 -22.60 5.93 -21.70
CA ASP B 290 -22.02 5.09 -22.74
C ASP B 290 -23.01 4.08 -23.29
N ARG B 291 -24.23 4.03 -22.78
CA ARG B 291 -25.21 3.06 -23.23
C ARG B 291 -25.97 3.57 -24.45
#